data_5JGC
#
_entry.id   5JGC
#
_cell.length_a   57.516
_cell.length_b   57.516
_cell.length_c   174.937
_cell.angle_alpha   90.00
_cell.angle_beta   90.00
_cell.angle_gamma   90.00
#
_symmetry.space_group_name_H-M   'P 42 21 2'
#
loop_
_entity.id
_entity.type
_entity.pdbx_description
1 polymer 'Protein TPR1'
2 non-polymer 'ZINC ION'
3 water water
#
_entity_poly.entity_id   1
_entity_poly.type   'polypeptide(L)'
_entity_poly.pdbx_seq_one_letter_code
;MSSLSRELVFLILQFLDEEKFKETVHKLEQESGFFFNMKYFEEKVHAGEWDEVEKYLSGFTKVDDNRYSMKIFFEIRKQK
YLEALDRHDRAKAVDILVKDLKVFSTFNEEAYKEITQLLTLENFRENEQASKYGDTKSARSIMLIELKKLIEANPLFREK
LVFPTLKASRLRTLINQSANWQHQLCKNPRPNPDAKTLFTDHTCTPPNG
;
_entity_poly.pdbx_strand_id   A
#
loop_
_chem_comp.id
_chem_comp.type
_chem_comp.name
_chem_comp.formula
ZN non-polymer 'ZINC ION' 'Zn 2'
#
# COMPACT_ATOMS: atom_id res chain seq x y z
N MET A 1 4.33 12.13 -17.62
CA MET A 1 3.91 13.16 -16.68
C MET A 1 5.05 14.11 -16.33
N SER A 2 4.76 15.41 -16.30
CA SER A 2 5.75 16.43 -15.96
C SER A 2 6.10 16.36 -14.48
N SER A 3 7.17 17.05 -14.10
CA SER A 3 7.53 17.20 -12.69
C SER A 3 6.54 18.14 -12.01
N LEU A 4 6.06 19.11 -12.78
CA LEU A 4 4.97 19.99 -12.38
C LEU A 4 3.75 19.18 -11.96
N SER A 5 3.29 18.36 -12.89
CA SER A 5 2.06 17.58 -12.72
C SER A 5 2.16 16.62 -11.54
N ARG A 6 3.35 16.05 -11.37
CA ARG A 6 3.65 15.18 -10.25
C ARG A 6 3.58 15.93 -8.92
N GLU A 7 4.13 17.13 -8.88
CA GLU A 7 4.06 17.96 -7.68
C GLU A 7 2.63 18.37 -7.36
N LEU A 8 1.83 18.57 -8.41
CA LEU A 8 0.46 18.96 -8.22
C LEU A 8 -0.32 17.82 -7.54
N VAL A 9 0.04 16.58 -7.87
CA VAL A 9 -0.58 15.43 -7.24
C VAL A 9 -0.30 15.43 -5.75
N PHE A 10 0.93 15.77 -5.37
CA PHE A 10 1.31 15.86 -3.97
C PHE A 10 0.52 16.96 -3.25
N LEU A 11 0.25 18.05 -3.93
CA LEU A 11 -0.52 19.15 -3.33
C LEU A 11 -1.94 18.71 -3.10
N ILE A 12 -2.45 17.92 -4.02
CA ILE A 12 -3.79 17.36 -3.93
C ILE A 12 -3.86 16.29 -2.82
N LEU A 13 -2.82 15.46 -2.71
CA LEU A 13 -2.77 14.49 -1.62
C LEU A 13 -2.85 15.18 -0.26
N GLN A 14 -2.17 16.31 -0.14
CA GLN A 14 -2.20 17.07 1.10
C GLN A 14 -3.60 17.64 1.34
N PHE A 15 -4.18 18.24 0.31
CA PHE A 15 -5.52 18.82 0.41
C PHE A 15 -6.55 17.77 0.83
N LEU A 16 -6.49 16.60 0.20
CA LEU A 16 -7.48 15.55 0.44
C LEU A 16 -7.37 15.04 1.88
N ASP A 17 -6.14 14.93 2.35
CA ASP A 17 -5.88 14.54 3.73
C ASP A 17 -6.44 15.58 4.70
N GLU A 18 -6.18 16.85 4.41
CA GLU A 18 -6.68 17.93 5.26
C GLU A 18 -8.21 17.97 5.28
N GLU A 19 -8.84 17.56 4.18
CA GLU A 19 -10.30 17.55 4.12
C GLU A 19 -10.87 16.22 4.58
N LYS A 20 -9.97 15.33 5.00
CA LYS A 20 -10.33 14.01 5.53
C LYS A 20 -11.07 13.13 4.52
N PHE A 21 -10.74 13.30 3.24
CA PHE A 21 -11.15 12.37 2.20
C PHE A 21 -10.17 11.20 2.20
N LYS A 22 -10.28 10.33 3.20
CA LYS A 22 -9.25 9.34 3.48
C LYS A 22 -9.11 8.26 2.40
N GLU A 23 -10.23 7.74 1.91
CA GLU A 23 -10.16 6.70 0.88
C GLU A 23 -9.63 7.27 -0.44
N THR A 24 -9.99 8.53 -0.72
CA THR A 24 -9.53 9.17 -1.94
C THR A 24 -8.02 9.33 -1.86
N VAL A 25 -7.50 9.72 -0.70
CA VAL A 25 -6.07 9.86 -0.49
C VAL A 25 -5.31 8.62 -0.92
N HIS A 26 -5.72 7.47 -0.39
CA HIS A 26 -5.00 6.23 -0.64
C HIS A 26 -5.23 5.69 -2.06
N LYS A 27 -6.37 6.01 -2.66
CA LYS A 27 -6.59 5.68 -4.07
C LYS A 27 -5.65 6.47 -4.97
N LEU A 28 -5.44 7.75 -4.64
CA LEU A 28 -4.57 8.59 -5.45
C LEU A 28 -3.12 8.18 -5.26
N GLU A 29 -2.76 7.81 -4.03
CA GLU A 29 -1.43 7.26 -3.75
C GLU A 29 -1.18 6.06 -4.65
N GLN A 30 -2.17 5.18 -4.72
CA GLN A 30 -2.06 3.93 -5.46
C GLN A 30 -2.03 4.14 -6.97
N GLU A 31 -2.95 4.95 -7.50
CA GLU A 31 -3.07 5.11 -8.94
C GLU A 31 -1.93 5.91 -9.54
N SER A 32 -1.44 6.89 -8.79
CA SER A 32 -0.33 7.71 -9.26
C SER A 32 0.98 6.99 -8.98
N GLY A 33 1.02 6.25 -7.88
CA GLY A 33 2.22 5.53 -7.47
C GLY A 33 3.35 6.44 -7.01
N PHE A 34 3.04 7.70 -6.73
CA PHE A 34 4.08 8.66 -6.37
C PHE A 34 4.48 8.57 -4.90
N PHE A 35 3.59 8.07 -4.06
CA PHE A 35 3.88 8.01 -2.64
C PHE A 35 3.26 6.78 -2.01
N PHE A 36 4.07 6.01 -1.29
CA PHE A 36 3.60 4.82 -0.59
C PHE A 36 3.48 5.15 0.89
N ASN A 37 2.26 5.06 1.40
CA ASN A 37 1.93 5.43 2.76
C ASN A 37 2.18 4.25 3.72
N MET A 38 3.32 4.27 4.40
CA MET A 38 3.70 3.16 5.31
C MET A 38 2.69 2.94 6.42
N LYS A 39 2.28 4.03 7.08
CA LYS A 39 1.34 3.94 8.19
C LYS A 39 0.04 3.31 7.74
N TYR A 40 -0.42 3.68 6.55
CA TYR A 40 -1.62 3.09 5.99
C TYR A 40 -1.41 1.60 5.77
N PHE A 41 -0.26 1.26 5.19
CA PHE A 41 0.07 -0.14 4.92
C PHE A 41 0.13 -0.95 6.21
N GLU A 42 0.77 -0.39 7.25
CA GLU A 42 0.84 -1.06 8.55
C GLU A 42 -0.54 -1.33 9.11
N GLU A 43 -1.40 -0.32 9.03
CA GLU A 43 -2.76 -0.42 9.52
C GLU A 43 -3.50 -1.58 8.87
N LYS A 44 -3.39 -1.68 7.55
CA LYS A 44 -4.12 -2.70 6.81
C LYS A 44 -3.56 -4.11 7.06
N VAL A 45 -2.26 -4.20 7.32
CA VAL A 45 -1.65 -5.48 7.63
C VAL A 45 -2.10 -5.97 9.00
N HIS A 46 -2.07 -5.10 10.00
CA HIS A 46 -2.55 -5.44 11.34
C HIS A 46 -4.02 -5.85 11.31
N ALA A 47 -4.80 -5.22 10.43
CA ALA A 47 -6.23 -5.55 10.33
C ALA A 47 -6.48 -6.77 9.46
N GLY A 48 -5.42 -7.32 8.86
CA GLY A 48 -5.56 -8.50 8.02
C GLY A 48 -6.40 -8.25 6.78
N GLU A 49 -6.38 -7.02 6.26
CA GLU A 49 -7.14 -6.69 5.07
C GLU A 49 -6.32 -6.99 3.83
N TRP A 50 -6.15 -8.28 3.56
CA TRP A 50 -5.17 -8.73 2.58
C TRP A 50 -5.51 -8.29 1.16
N ASP A 51 -6.80 -8.23 0.84
CA ASP A 51 -7.21 -7.82 -0.50
C ASP A 51 -6.80 -6.39 -0.79
N GLU A 52 -7.06 -5.51 0.17
CA GLU A 52 -6.72 -4.11 0.01
C GLU A 52 -5.21 -3.91 0.05
N VAL A 53 -4.54 -4.70 0.88
CA VAL A 53 -3.08 -4.67 0.95
C VAL A 53 -2.47 -4.90 -0.43
N GLU A 54 -2.93 -5.94 -1.12
CA GLU A 54 -2.38 -6.27 -2.45
C GLU A 54 -2.78 -5.23 -3.49
N LYS A 55 -4.03 -4.79 -3.43
CA LYS A 55 -4.52 -3.76 -4.32
C LYS A 55 -3.67 -2.49 -4.20
N TYR A 56 -3.35 -2.13 -2.96
CA TYR A 56 -2.56 -0.93 -2.72
C TYR A 56 -1.15 -1.15 -3.27
N LEU A 57 -0.54 -2.28 -2.93
CA LEU A 57 0.78 -2.63 -3.45
C LEU A 57 0.83 -2.62 -4.98
N SER A 58 -0.27 -3.02 -5.61
CA SER A 58 -0.31 -3.17 -7.06
C SER A 58 -0.03 -1.88 -7.82
N GLY A 59 -0.16 -0.74 -7.13
CA GLY A 59 0.11 0.54 -7.76
C GLY A 59 1.59 0.85 -7.77
N PHE A 60 2.38 0.04 -7.08
CA PHE A 60 3.80 0.32 -6.90
C PHE A 60 4.70 -0.77 -7.46
N THR A 61 4.20 -2.00 -7.49
CA THR A 61 5.01 -3.13 -7.93
C THR A 61 4.16 -4.34 -8.31
N LYS A 62 4.70 -5.16 -9.20
CA LYS A 62 4.10 -6.44 -9.52
C LYS A 62 4.85 -7.51 -8.76
N VAL A 63 4.25 -8.68 -8.60
CA VAL A 63 4.85 -9.74 -7.80
C VAL A 63 6.24 -10.15 -8.31
N ASP A 64 6.44 -10.13 -9.62
CA ASP A 64 7.68 -10.63 -10.22
C ASP A 64 8.64 -9.53 -10.67
N ASP A 65 8.44 -8.30 -10.20
CA ASP A 65 9.28 -7.16 -10.59
C ASP A 65 10.72 -7.36 -10.15
N ASN A 66 10.90 -7.78 -8.90
CA ASN A 66 12.20 -8.13 -8.37
C ASN A 66 12.07 -9.04 -7.16
N ARG A 67 13.20 -9.39 -6.55
CA ARG A 67 13.23 -10.36 -5.47
C ARG A 67 12.60 -9.86 -4.19
N TYR A 68 12.76 -8.57 -3.92
CA TYR A 68 12.11 -7.94 -2.76
C TYR A 68 10.59 -8.02 -2.91
N SER A 69 10.09 -7.60 -4.07
CA SER A 69 8.66 -7.61 -4.32
C SER A 69 8.11 -9.04 -4.21
N MET A 70 8.84 -10.00 -4.76
CA MET A 70 8.41 -11.40 -4.68
C MET A 70 8.29 -11.87 -3.22
N LYS A 71 9.29 -11.55 -2.40
CA LYS A 71 9.23 -11.98 -1.00
C LYS A 71 8.10 -11.26 -0.27
N ILE A 72 7.85 -10.01 -0.62
CA ILE A 72 6.77 -9.26 0.00
C ILE A 72 5.41 -9.94 -0.23
N PHE A 73 5.10 -10.26 -1.48
CA PHE A 73 3.84 -10.92 -1.79
C PHE A 73 3.82 -12.35 -1.22
N PHE A 74 4.96 -13.02 -1.21
CA PHE A 74 5.00 -14.39 -0.65
C PHE A 74 4.68 -14.38 0.83
N GLU A 75 5.28 -13.46 1.57
CA GLU A 75 5.06 -13.40 2.99
C GLU A 75 3.59 -13.10 3.29
N ILE A 76 3.01 -12.13 2.55
CA ILE A 76 1.61 -11.78 2.77
C ILE A 76 0.66 -12.96 2.52
N ARG A 77 0.83 -13.63 1.38
CA ARG A 77 -0.04 -14.72 1.00
C ARG A 77 0.14 -15.93 1.91
N LYS A 78 1.38 -16.18 2.34
CA LYS A 78 1.63 -17.25 3.29
C LYS A 78 0.93 -17.00 4.62
N GLN A 79 0.95 -15.76 5.11
CA GLN A 79 0.22 -15.44 6.35
C GLN A 79 -1.29 -15.65 6.17
N LYS A 80 -1.80 -15.23 5.02
CA LYS A 80 -3.19 -15.42 4.66
C LYS A 80 -3.56 -16.92 4.68
N TYR A 81 -2.67 -17.75 4.17
CA TYR A 81 -2.82 -19.20 4.14
C TYR A 81 -2.87 -19.77 5.56
N LEU A 82 -1.85 -19.46 6.36
CA LEU A 82 -1.78 -19.93 7.74
C LEU A 82 -3.00 -19.53 8.57
N GLU A 83 -3.50 -18.32 8.35
CA GLU A 83 -4.67 -17.86 9.09
C GLU A 83 -5.91 -18.67 8.72
N ALA A 84 -6.01 -19.04 7.45
CA ALA A 84 -7.10 -19.90 6.99
C ALA A 84 -7.02 -21.26 7.69
N LEU A 85 -5.82 -21.82 7.76
CA LEU A 85 -5.60 -23.08 8.48
C LEU A 85 -6.01 -22.98 9.94
N ASP A 86 -5.68 -21.84 10.54
CA ASP A 86 -5.91 -21.61 11.97
C ASP A 86 -7.39 -21.59 12.32
N ARG A 87 -8.22 -21.12 11.40
CA ARG A 87 -9.66 -21.07 11.65
C ARG A 87 -10.31 -22.34 11.11
N HIS A 88 -9.48 -23.33 10.79
CA HIS A 88 -9.92 -24.64 10.35
C HIS A 88 -10.72 -24.59 9.05
N ASP A 89 -10.38 -23.63 8.19
CA ASP A 89 -11.03 -23.52 6.90
C ASP A 89 -10.10 -24.06 5.80
N ARG A 90 -9.99 -25.37 5.73
CA ARG A 90 -9.06 -25.99 4.78
C ARG A 90 -9.47 -25.79 3.34
N ALA A 91 -10.76 -25.58 3.11
CA ALA A 91 -11.25 -25.25 1.78
C ALA A 91 -10.65 -23.93 1.29
N LYS A 92 -10.67 -22.91 2.15
CA LYS A 92 -10.13 -21.62 1.79
C LYS A 92 -8.60 -21.68 1.64
N ALA A 93 -7.96 -22.43 2.54
CA ALA A 93 -6.51 -22.59 2.50
C ALA A 93 -6.01 -23.14 1.16
N VAL A 94 -6.66 -24.18 0.67
CA VAL A 94 -6.28 -24.78 -0.61
C VAL A 94 -6.46 -23.81 -1.76
N ASP A 95 -7.55 -23.05 -1.70
CA ASP A 95 -7.81 -22.00 -2.68
C ASP A 95 -6.65 -21.02 -2.73
N ILE A 96 -6.26 -20.52 -1.55
CA ILE A 96 -5.14 -19.59 -1.44
C ILE A 96 -3.88 -20.23 -2.00
N LEU A 97 -3.65 -21.48 -1.61
CA LEU A 97 -2.47 -22.22 -2.01
C LEU A 97 -2.31 -22.31 -3.52
N VAL A 98 -3.42 -22.60 -4.22
CA VAL A 98 -3.40 -22.79 -5.67
C VAL A 98 -3.42 -21.47 -6.42
N LYS A 99 -4.25 -20.54 -5.99
CA LYS A 99 -4.41 -19.27 -6.69
C LYS A 99 -3.29 -18.28 -6.38
N ASP A 100 -2.99 -18.09 -5.10
CA ASP A 100 -2.05 -17.04 -4.68
C ASP A 100 -0.62 -17.49 -4.50
N LEU A 101 -0.42 -18.72 -4.03
CA LEU A 101 0.91 -19.16 -3.66
C LEU A 101 1.64 -19.95 -4.74
N LYS A 102 0.92 -20.43 -5.74
CA LYS A 102 1.54 -21.37 -6.69
C LYS A 102 2.60 -20.69 -7.56
N VAL A 103 2.44 -19.39 -7.77
CA VAL A 103 3.39 -18.63 -8.59
C VAL A 103 4.80 -18.71 -7.98
N PHE A 104 4.89 -19.01 -6.70
CA PHE A 104 6.18 -19.06 -6.02
C PHE A 104 6.85 -20.43 -6.09
N SER A 105 6.10 -21.43 -6.56
CA SER A 105 6.61 -22.79 -6.62
C SER A 105 7.84 -22.92 -7.51
N THR A 106 7.82 -22.27 -8.66
CA THR A 106 8.94 -22.27 -9.60
C THR A 106 10.24 -21.84 -8.92
N PHE A 107 10.15 -20.78 -8.13
CA PHE A 107 11.32 -20.18 -7.49
C PHE A 107 11.84 -21.02 -6.33
N ASN A 108 10.95 -21.77 -5.69
CA ASN A 108 11.36 -22.69 -4.63
C ASN A 108 10.38 -23.86 -4.50
N GLU A 109 10.69 -24.94 -5.21
CA GLU A 109 9.80 -26.09 -5.29
C GLU A 109 9.53 -26.74 -3.94
N GLU A 110 10.58 -26.90 -3.14
CA GLU A 110 10.48 -27.68 -1.91
C GLU A 110 9.83 -26.90 -0.76
N ALA A 111 9.90 -25.59 -0.81
CA ALA A 111 9.24 -24.76 0.19
C ALA A 111 7.73 -24.78 -0.01
N TYR A 112 7.32 -24.77 -1.28
CA TYR A 112 5.91 -24.84 -1.63
C TYR A 112 5.32 -26.19 -1.20
N LYS A 113 6.10 -27.26 -1.39
CA LYS A 113 5.70 -28.60 -0.95
C LYS A 113 5.53 -28.64 0.56
N GLU A 114 6.53 -28.11 1.27
CA GLU A 114 6.50 -27.97 2.72
C GLU A 114 5.24 -27.26 3.21
N ILE A 115 4.88 -26.18 2.52
CA ILE A 115 3.72 -25.37 2.88
C ILE A 115 2.42 -26.10 2.53
N THR A 116 2.42 -26.76 1.38
CA THR A 116 1.27 -27.58 1.00
C THR A 116 0.95 -28.62 2.07
N GLN A 117 1.98 -29.28 2.59
CA GLN A 117 1.77 -30.39 3.51
C GLN A 117 1.18 -29.98 4.86
N LEU A 118 1.18 -28.67 5.12
CA LEU A 118 0.58 -28.14 6.35
C LEU A 118 -0.93 -28.39 6.37
N LEU A 119 -1.52 -28.51 5.19
CA LEU A 119 -2.95 -28.81 5.04
C LEU A 119 -3.41 -30.02 5.84
N THR A 120 -2.55 -31.01 5.95
CA THR A 120 -2.97 -32.32 6.46
C THR A 120 -2.79 -32.49 7.96
N LEU A 121 -2.09 -31.54 8.59
CA LEU A 121 -1.89 -31.57 10.03
C LEU A 121 -3.18 -31.22 10.80
N GLU A 122 -3.32 -31.76 12.00
CA GLU A 122 -4.39 -31.34 12.89
C GLU A 122 -4.12 -29.93 13.38
N ASN A 123 -2.85 -29.66 13.64
CA ASN A 123 -2.37 -28.33 13.96
C ASN A 123 -1.03 -28.14 13.30
N PHE A 124 -0.92 -27.16 12.40
CA PHE A 124 0.29 -27.02 11.59
C PHE A 124 1.54 -26.61 12.38
N ARG A 125 1.37 -26.44 13.68
CA ARG A 125 2.50 -26.21 14.58
C ARG A 125 3.23 -27.51 14.90
N GLU A 126 2.69 -28.62 14.39
CA GLU A 126 3.33 -29.93 14.49
C GLU A 126 4.56 -29.98 13.59
N ASN A 127 4.59 -29.15 12.56
CA ASN A 127 5.80 -28.94 11.79
C ASN A 127 6.69 -27.97 12.56
N GLU A 128 7.93 -28.38 12.80
CA GLU A 128 8.84 -27.62 13.66
C GLU A 128 9.23 -26.27 13.06
N GLN A 129 9.19 -26.17 11.74
CA GLN A 129 9.50 -24.91 11.07
C GLN A 129 8.36 -23.91 11.22
N ALA A 130 7.15 -24.44 11.42
CA ALA A 130 5.97 -23.60 11.61
C ALA A 130 5.48 -23.64 13.05
N SER A 131 6.31 -24.19 13.94
CA SER A 131 5.99 -24.22 15.36
C SER A 131 6.13 -22.83 15.98
N LYS A 132 6.60 -21.87 15.18
CA LYS A 132 6.85 -20.51 15.64
C LYS A 132 5.66 -19.59 15.49
N TYR A 133 4.65 -20.04 14.76
CA TYR A 133 3.43 -19.26 14.57
C TYR A 133 2.64 -19.25 15.88
N GLY A 134 2.60 -18.08 16.53
CA GLY A 134 2.01 -17.96 17.85
C GLY A 134 0.50 -17.79 17.82
N ASP A 135 0.06 -16.56 17.66
CA ASP A 135 -1.32 -16.26 17.35
C ASP A 135 -1.35 -15.29 16.18
N THR A 136 -2.54 -14.94 15.72
CA THR A 136 -2.68 -14.07 14.56
C THR A 136 -2.02 -12.70 14.78
N LYS A 137 -2.35 -12.06 15.89
CA LYS A 137 -1.87 -10.72 16.21
C LYS A 137 -0.34 -10.65 16.23
N SER A 138 0.29 -11.59 16.93
CA SER A 138 1.74 -11.57 17.05
C SER A 138 2.43 -11.93 15.73
N ALA A 139 1.82 -12.83 14.96
CA ALA A 139 2.43 -13.26 13.71
C ALA A 139 2.34 -12.18 12.65
N ARG A 140 1.29 -11.36 12.71
CA ARG A 140 1.17 -10.20 11.82
C ARG A 140 2.20 -9.13 12.13
N SER A 141 2.44 -8.90 13.42
CA SER A 141 3.39 -7.87 13.84
C SER A 141 4.80 -8.26 13.43
N ILE A 142 5.17 -9.52 13.69
CA ILE A 142 6.48 -10.04 13.29
C ILE A 142 6.71 -9.93 11.80
N MET A 143 5.71 -10.33 11.03
CA MET A 143 5.79 -10.27 9.59
C MET A 143 5.89 -8.83 9.06
N LEU A 144 5.15 -7.93 9.68
CA LEU A 144 5.13 -6.51 9.31
C LEU A 144 6.53 -5.91 9.42
N ILE A 145 7.24 -6.31 10.46
CA ILE A 145 8.61 -5.86 10.68
C ILE A 145 9.46 -6.25 9.47
N GLU A 146 9.28 -7.47 8.99
CA GLU A 146 10.01 -7.94 7.82
C GLU A 146 9.55 -7.24 6.54
N LEU A 147 8.24 -7.05 6.38
CA LEU A 147 7.67 -6.34 5.24
C LEU A 147 8.22 -4.92 5.11
N LYS A 148 8.34 -4.23 6.22
CA LYS A 148 8.90 -2.88 6.22
C LYS A 148 10.33 -2.89 5.72
N LYS A 149 11.12 -3.82 6.18
CA LYS A 149 12.52 -3.89 5.78
C LYS A 149 12.66 -4.20 4.30
N LEU A 150 11.75 -5.03 3.78
CA LEU A 150 11.77 -5.39 2.37
C LEU A 150 11.35 -4.21 1.50
N ILE A 151 10.34 -3.48 1.96
CA ILE A 151 9.86 -2.32 1.23
C ILE A 151 10.93 -1.22 1.22
N GLU A 152 11.48 -0.93 2.38
CA GLU A 152 12.51 0.11 2.49
C GLU A 152 13.78 -0.18 1.68
N ALA A 153 14.04 -1.46 1.44
CA ALA A 153 15.21 -1.87 0.66
C ALA A 153 14.87 -2.10 -0.80
N ASN A 154 13.58 -2.07 -1.12
CA ASN A 154 13.10 -2.32 -2.47
C ASN A 154 13.34 -1.10 -3.36
N PRO A 155 14.16 -1.26 -4.41
CA PRO A 155 14.53 -0.10 -5.25
C PRO A 155 13.34 0.61 -5.89
N LEU A 156 12.22 -0.09 -6.08
CA LEU A 156 11.03 0.51 -6.68
C LEU A 156 10.31 1.45 -5.74
N PHE A 157 10.69 1.44 -4.46
CA PHE A 157 10.08 2.33 -3.49
C PHE A 157 11.05 3.46 -3.08
N ARG A 158 12.18 3.55 -3.79
CA ARG A 158 13.32 4.37 -3.38
C ARG A 158 12.97 5.80 -2.95
N GLU A 159 12.26 6.53 -3.80
CA GLU A 159 11.91 7.91 -3.43
C GLU A 159 10.43 8.08 -3.14
N LYS A 160 9.80 7.05 -2.58
CA LYS A 160 8.37 7.09 -2.41
C LYS A 160 7.91 6.91 -0.97
N LEU A 161 8.85 6.91 -0.03
CA LEU A 161 8.54 6.63 1.38
C LEU A 161 8.46 7.85 2.30
N VAL A 162 9.00 8.98 1.84
CA VAL A 162 8.96 10.19 2.64
C VAL A 162 8.15 11.27 1.94
N PHE A 163 7.14 11.80 2.62
CA PHE A 163 6.32 12.87 2.06
C PHE A 163 7.13 14.17 2.05
N PRO A 164 7.10 14.90 0.92
CA PRO A 164 7.79 16.19 0.84
C PRO A 164 7.33 17.10 1.96
N THR A 165 8.26 17.72 2.66
CA THR A 165 7.87 18.66 3.69
C THR A 165 7.35 19.90 2.99
N LEU A 166 6.17 20.33 3.41
CA LEU A 166 5.57 21.55 2.89
C LEU A 166 4.70 22.17 3.97
N LYS A 167 4.43 23.46 3.82
CA LYS A 167 3.53 24.15 4.71
C LYS A 167 2.12 23.65 4.50
N ALA A 168 1.31 23.72 5.55
CA ALA A 168 -0.07 23.27 5.48
C ALA A 168 -0.83 24.02 4.39
N SER A 169 -1.74 23.32 3.72
CA SER A 169 -2.67 23.92 2.77
C SER A 169 -1.97 24.65 1.63
N ARG A 170 -0.90 24.04 1.12
CA ARG A 170 -0.13 24.64 0.05
C ARG A 170 -0.99 24.85 -1.19
N LEU A 171 -1.90 23.91 -1.48
CA LEU A 171 -2.75 24.08 -2.65
C LEU A 171 -3.64 25.30 -2.48
N ARG A 172 -4.30 25.40 -1.32
CA ARG A 172 -5.15 26.54 -1.01
C ARG A 172 -4.41 27.88 -1.11
N THR A 173 -3.13 27.86 -0.77
CA THR A 173 -2.30 29.06 -0.81
C THR A 173 -2.06 29.49 -2.25
N LEU A 174 -1.75 28.53 -3.12
CA LEU A 174 -1.55 28.83 -4.53
C LEU A 174 -2.84 29.36 -5.15
N ILE A 175 -3.97 28.77 -4.77
CA ILE A 175 -5.27 29.24 -5.26
C ILE A 175 -5.51 30.70 -4.89
N ASN A 176 -5.19 31.05 -3.65
CA ASN A 176 -5.36 32.43 -3.21
C ASN A 176 -4.43 33.37 -3.96
N GLN A 177 -3.25 32.88 -4.32
CA GLN A 177 -2.32 33.68 -5.13
C GLN A 177 -2.88 33.95 -6.52
N SER A 178 -3.62 32.98 -7.06
CA SER A 178 -4.21 33.15 -8.39
C SER A 178 -5.32 34.20 -8.32
N ALA A 179 -6.08 34.18 -7.24
CA ALA A 179 -7.16 35.15 -7.03
C ALA A 179 -6.61 36.57 -6.95
N ASN A 180 -5.46 36.72 -6.30
CA ASN A 180 -4.81 38.02 -6.21
C ASN A 180 -4.31 38.48 -7.58
N TRP A 181 -3.83 37.54 -8.38
CA TRP A 181 -3.36 37.86 -9.72
C TRP A 181 -4.52 38.30 -10.60
N GLN A 182 -5.66 37.61 -10.48
CA GLN A 182 -6.86 37.94 -11.25
C GLN A 182 -7.31 39.36 -10.94
N HIS A 183 -7.04 39.81 -9.72
CA HIS A 183 -7.44 41.13 -9.28
C HIS A 183 -6.38 42.18 -9.66
N GLN A 184 -5.15 41.74 -9.85
CA GLN A 184 -4.06 42.64 -10.22
C GLN A 184 -4.08 42.96 -11.72
N LEU A 185 -5.24 42.78 -12.33
CA LEU A 185 -5.44 43.14 -13.73
C LEU A 185 -6.62 44.09 -13.86
N CYS A 186 -7.40 44.20 -12.78
CA CYS A 186 -8.66 44.94 -12.79
C CYS A 186 -8.51 46.43 -12.52
N LYS A 187 -9.15 47.22 -13.38
CA LYS A 187 -9.44 48.63 -13.11
C LYS A 187 -10.83 48.13 -12.81
N ASN A 188 -11.56 48.80 -11.92
CA ASN A 188 -11.11 50.04 -11.29
C ASN A 188 -11.23 49.06 -10.11
N PRO A 189 -10.10 48.80 -9.43
CA PRO A 189 -10.00 47.84 -8.35
C PRO A 189 -10.58 48.31 -7.01
N LYS A 196 -16.64 35.57 -5.97
CA LYS A 196 -17.35 34.99 -7.10
C LYS A 196 -17.15 33.49 -7.18
N THR A 197 -16.23 33.05 -8.03
CA THR A 197 -16.04 31.62 -8.28
C THR A 197 -14.60 31.28 -8.66
N LEU A 198 -14.26 29.99 -8.56
CA LEU A 198 -12.98 29.48 -9.05
C LEU A 198 -13.09 29.02 -10.50
N PHE A 199 -14.32 28.90 -10.98
CA PHE A 199 -14.57 28.32 -12.29
C PHE A 199 -14.20 29.29 -13.42
N THR A 200 -14.47 30.57 -13.23
CA THR A 200 -14.07 31.59 -14.21
C THR A 200 -13.40 32.78 -13.51
N ASP A 201 -12.59 33.52 -14.26
CA ASP A 201 -11.81 34.62 -13.71
C ASP A 201 -12.66 35.74 -13.10
N HIS A 202 -12.15 36.33 -12.03
CA HIS A 202 -12.82 37.45 -11.35
C HIS A 202 -12.57 38.75 -12.11
N THR A 203 -13.61 39.56 -12.26
CA THR A 203 -13.50 40.82 -12.99
C THR A 203 -14.20 41.98 -12.27
N CYS A 204 -13.67 43.18 -12.50
CA CYS A 204 -14.34 44.41 -12.07
C CYS A 204 -14.49 45.34 -13.28
N THR A 205 -15.44 46.26 -13.21
CA THR A 205 -15.64 47.20 -14.31
C THR A 205 -14.42 48.09 -14.44
ZN ZN B . -10.53 43.68 -9.33
#